data_6DLB
#
_entry.id   6DLB
#
_cell.length_a   57.493
_cell.length_b   67.297
_cell.length_c   130.843
_cell.angle_alpha   90.00
_cell.angle_beta   90.00
_cell.angle_gamma   90.00
#
_symmetry.space_group_name_H-M   'P 21 21 21'
#
loop_
_entity.id
_entity.type
_entity.pdbx_description
1 polymer 'CH65:1203d4 Fab heavy chain'
2 polymer 'CH65:1203d4 Fab light chain'
3 non-polymer 'SULFATE ION'
4 water water
#
loop_
_entity_poly.entity_id
_entity_poly.type
_entity_poly.pdbx_seq_one_letter_code
_entity_poly.pdbx_strand_id
1 'polypeptide(L)'
;QVQLVQSGAEVKKPGASVKVSCKASGYTFTDYHINWVRQAPGQGLEWMGWIHPNSGDTNYAQKFQGWVTMTRDTAISTAY
MEVNGLKSDDTAVYYCARAGLHPTTTEYYYYGMDVWGQGTTVTVSSASFKGPSVFPLAPSSKSTSGGTAALGCLVKDYFP
EPVTVSWNSGALTSGVHTFPAVLQSSGLYSLSSVVTVPSSSLGTQTYICNVNHKPSNTKVDKKVEPKSC
;
H
2 'polypeptide(L)'
;QSVLTQPPSVSVAPGQTARITCGGNDIGRKSVHWNQQKPGQAPVLVVCYDSDRPSGIPERFSGSNSGNTATLTISRVEAG
DEADYYCQVWDSSSDHVIFGGGTKLTVLGQPKANPTVTLFPPSSEELQANKATLVCLISDFYPGAVTVAWKADSSPVKAG
VETTTPSKQSNNKYAASSYLSLTPEQWKSHRSYSCQVTHEGSTVEKTVAPTECS
;
L
#
loop_
_chem_comp.id
_chem_comp.type
_chem_comp.name
_chem_comp.formula
SO4 non-polymer 'SULFATE ION' 'O4 S -2'
#
# COMPACT_ATOMS: atom_id res chain seq x y z
N GLN A 1 -12.36 -0.86 -27.95
CA GLN A 1 -12.28 0.35 -27.13
C GLN A 1 -10.83 0.80 -26.97
N VAL A 2 -10.65 1.94 -26.33
CA VAL A 2 -9.32 2.50 -26.12
C VAL A 2 -8.66 1.77 -24.95
N GLN A 3 -7.50 1.17 -25.20
CA GLN A 3 -6.81 0.38 -24.19
C GLN A 3 -5.32 0.60 -24.28
N LEU A 4 -4.66 0.49 -23.13
CA LEU A 4 -3.20 0.44 -23.04
C LEU A 4 -2.82 -0.85 -22.33
N VAL A 5 -2.03 -1.68 -23.00
CA VAL A 5 -1.68 -3.01 -22.53
C VAL A 5 -0.23 -2.97 -22.05
N GLN A 6 -0.03 -3.10 -20.75
CA GLN A 6 1.28 -2.98 -20.14
C GLN A 6 1.89 -4.35 -19.87
N SER A 7 3.21 -4.40 -19.80
CA SER A 7 3.93 -5.65 -19.62
C SER A 7 3.78 -6.16 -18.18
N GLY A 8 4.31 -7.37 -17.94
CA GLY A 8 4.05 -8.08 -16.72
C GLY A 8 4.97 -7.70 -15.56
N ALA A 9 4.66 -8.26 -14.40
CA ALA A 9 5.39 -7.95 -13.18
C ALA A 9 6.86 -8.34 -13.30
N GLU A 10 7.71 -7.56 -12.64
CA GLU A 10 9.15 -7.74 -12.70
C GLU A 10 9.74 -7.75 -11.30
N VAL A 11 10.68 -8.65 -11.07
CA VAL A 11 11.49 -8.68 -9.85
C VAL A 11 12.93 -8.43 -10.27
N LYS A 12 13.52 -7.35 -9.74
CA LYS A 12 14.83 -6.90 -10.15
C LYS A 12 15.76 -6.81 -8.94
N LYS A 13 17.02 -7.14 -9.14
CA LYS A 13 18.00 -6.92 -8.10
C LYS A 13 18.51 -5.48 -8.15
N PRO A 14 18.93 -4.92 -7.01
CA PRO A 14 19.38 -3.52 -7.01
C PRO A 14 20.53 -3.30 -7.98
N GLY A 15 20.52 -2.13 -8.62
CA GLY A 15 21.51 -1.77 -9.61
C GLY A 15 21.11 -2.11 -11.04
N ALA A 16 20.18 -3.03 -11.24
CA ALA A 16 19.77 -3.42 -12.56
C ALA A 16 18.91 -2.34 -13.21
N SER A 17 18.66 -2.51 -14.50
CA SER A 17 17.71 -1.68 -15.24
C SER A 17 16.49 -2.52 -15.60
N VAL A 18 15.37 -1.84 -15.83
CA VAL A 18 14.14 -2.49 -16.24
C VAL A 18 13.47 -1.62 -17.29
N LYS A 19 12.90 -2.26 -18.31
CA LYS A 19 12.24 -1.57 -19.41
C LYS A 19 10.84 -2.16 -19.56
N VAL A 20 9.83 -1.37 -19.20
CA VAL A 20 8.44 -1.81 -19.25
C VAL A 20 7.77 -1.18 -20.46
N SER A 21 6.81 -1.91 -21.03
CA SER A 21 6.20 -1.51 -22.29
C SER A 21 4.72 -1.18 -22.09
N CYS A 22 4.20 -0.38 -23.03
CA CYS A 22 2.83 0.12 -22.98
C CYS A 22 2.33 0.15 -24.41
N LYS A 23 1.53 -0.84 -24.80
CA LYS A 23 1.05 -0.98 -26.17
C LYS A 23 -0.37 -0.47 -26.28
N ALA A 24 -0.61 0.40 -27.25
CA ALA A 24 -1.92 0.98 -27.47
C ALA A 24 -2.77 0.13 -28.41
N SER A 25 -4.09 0.21 -28.23
CA SER A 25 -5.04 -0.45 -29.11
C SER A 25 -6.37 0.28 -29.01
N GLY A 26 -7.12 0.25 -30.10
CA GLY A 26 -8.40 0.93 -30.14
C GLY A 26 -8.35 2.39 -30.53
N TYR A 27 -7.18 2.90 -30.90
CA TYR A 27 -7.02 4.27 -31.35
C TYR A 27 -5.68 4.40 -32.05
N THR A 28 -5.47 5.55 -32.68
CA THR A 28 -4.24 5.78 -33.44
C THR A 28 -3.14 6.24 -32.47
N PHE A 29 -2.04 5.48 -32.43
CA PHE A 29 -1.01 5.67 -31.42
C PHE A 29 -0.42 7.07 -31.47
N THR A 30 -0.10 7.55 -32.68
CA THR A 30 0.57 8.84 -32.83
C THR A 30 -0.34 10.03 -32.60
N ASP A 31 -1.58 9.81 -32.15
CA ASP A 31 -2.54 10.91 -31.99
C ASP A 31 -2.50 11.57 -30.62
N TYR A 32 -1.92 10.91 -29.61
CA TYR A 32 -1.97 11.43 -28.25
C TYR A 32 -0.66 11.16 -27.53
N HIS A 33 -0.33 12.06 -26.59
CA HIS A 33 0.78 11.81 -25.68
C HIS A 33 0.56 10.52 -24.91
N ILE A 34 1.66 9.94 -24.43
CA ILE A 34 1.63 8.88 -23.43
C ILE A 34 2.34 9.40 -22.20
N ASN A 35 1.62 9.45 -21.08
CA ASN A 35 2.19 9.88 -19.81
C ASN A 35 2.55 8.65 -18.97
N TRP A 36 3.56 8.82 -18.11
CA TRP A 36 3.98 7.77 -17.21
C TRP A 36 3.85 8.26 -15.77
N VAL A 37 3.26 7.42 -14.92
CA VAL A 37 3.01 7.74 -13.52
C VAL A 37 3.36 6.51 -12.69
N ARG A 38 4.10 6.70 -11.61
CA ARG A 38 4.47 5.60 -10.74
C ARG A 38 3.88 5.82 -9.34
N GLN A 39 3.64 4.70 -8.65
CA GLN A 39 2.98 4.71 -7.35
C GLN A 39 3.67 3.69 -6.45
N ALA A 40 4.43 4.19 -5.47
CA ALA A 40 5.02 3.30 -4.48
C ALA A 40 3.92 2.71 -3.60
N PRO A 41 4.16 1.53 -3.01
CA PRO A 41 3.10 0.87 -2.24
C PRO A 41 2.56 1.76 -1.13
N GLY A 42 1.24 1.97 -1.14
CA GLY A 42 0.58 2.78 -0.14
C GLY A 42 0.76 4.28 -0.30
N GLN A 43 1.45 4.73 -1.34
CA GLN A 43 1.70 6.15 -1.55
C GLN A 43 0.79 6.68 -2.66
N GLY A 44 0.99 7.94 -3.03
CA GLY A 44 0.18 8.59 -4.03
C GLY A 44 0.78 8.47 -5.43
N LEU A 45 0.06 9.06 -6.39
CA LEU A 45 0.50 9.03 -7.78
C LEU A 45 1.62 10.04 -8.00
N GLU A 46 2.62 9.63 -8.79
CA GLU A 46 3.85 10.40 -8.98
C GLU A 46 4.13 10.50 -10.47
N TRP A 47 3.91 11.68 -11.05
CA TRP A 47 4.09 11.87 -12.48
C TRP A 47 5.57 11.81 -12.85
N MET A 48 5.90 11.00 -13.86
CA MET A 48 7.27 10.84 -14.31
C MET A 48 7.58 11.61 -15.59
N GLY A 49 6.61 11.80 -16.45
CA GLY A 49 6.84 12.51 -17.69
C GLY A 49 5.86 12.07 -18.76
N TRP A 50 6.06 12.61 -19.96
CA TRP A 50 5.27 12.19 -21.12
C TRP A 50 6.17 12.13 -22.35
N ILE A 51 5.67 11.42 -23.36
CA ILE A 51 6.28 11.37 -24.67
C ILE A 51 5.17 11.52 -25.71
N HIS A 52 5.44 12.27 -26.77
CA HIS A 52 4.49 12.30 -27.87
C HIS A 52 4.94 11.32 -28.93
N PRO A 53 4.17 10.26 -29.20
CA PRO A 53 4.61 9.25 -30.17
C PRO A 53 4.81 9.77 -31.58
N ASN A 54 4.14 10.86 -31.97
CA ASN A 54 4.29 11.37 -33.33
C ASN A 54 5.70 11.94 -33.54
N SER A 55 6.09 12.89 -32.71
CA SER A 55 7.38 13.56 -32.86
C SER A 55 8.49 12.90 -32.05
N GLY A 56 8.14 12.12 -31.02
CA GLY A 56 9.13 11.61 -30.10
C GLY A 56 9.52 12.60 -29.02
N ASP A 57 8.91 13.77 -28.98
CA ASP A 57 9.25 14.77 -27.97
C ASP A 57 8.93 14.25 -26.58
N THR A 58 9.78 14.61 -25.62
CA THR A 58 9.65 14.15 -24.25
C THR A 58 9.60 15.33 -23.29
N ASN A 59 8.97 15.10 -22.14
CA ASN A 59 8.94 16.07 -21.05
C ASN A 59 9.16 15.26 -19.77
N TYR A 60 10.38 15.30 -19.25
CA TYR A 60 10.74 14.53 -18.07
C TYR A 60 10.46 15.33 -16.81
N ALA A 61 9.85 14.67 -15.81
CA ALA A 61 9.69 15.28 -14.51
C ALA A 61 11.05 15.48 -13.86
N GLN A 62 11.14 16.51 -13.01
CA GLN A 62 12.39 16.86 -12.35
C GLN A 62 12.96 15.68 -11.58
N LYS A 63 12.10 14.96 -10.85
CA LYS A 63 12.56 13.89 -9.98
C LYS A 63 13.09 12.68 -10.75
N PHE A 64 12.73 12.54 -12.03
CA PHE A 64 13.07 11.34 -12.78
C PHE A 64 13.99 11.57 -13.96
N GLN A 65 14.14 12.81 -14.42
CA GLN A 65 15.05 13.08 -15.53
C GLN A 65 16.47 12.67 -15.17
N GLY A 66 17.16 12.06 -16.14
CA GLY A 66 18.53 11.67 -15.99
C GLY A 66 18.74 10.20 -15.65
N TRP A 67 17.75 9.54 -15.06
CA TRP A 67 17.88 8.12 -14.75
C TRP A 67 16.69 7.29 -15.23
N VAL A 68 15.76 7.89 -15.97
CA VAL A 68 14.75 7.14 -16.72
C VAL A 68 14.78 7.63 -18.17
N THR A 69 14.31 6.77 -19.06
CA THR A 69 14.29 7.07 -20.49
C THR A 69 12.97 6.63 -21.09
N MET A 70 12.24 7.58 -21.67
CA MET A 70 11.02 7.30 -22.40
C MET A 70 11.33 7.20 -23.88
N THR A 71 10.88 6.11 -24.51
CA THR A 71 10.99 5.94 -25.95
C THR A 71 9.66 5.43 -26.49
N ARG A 72 9.58 5.29 -27.80
CA ARG A 72 8.39 4.76 -28.44
C ARG A 72 8.78 4.10 -29.76
N ASP A 73 7.97 3.15 -30.20
CA ASP A 73 8.15 2.45 -31.48
C ASP A 73 6.81 2.54 -32.21
N THR A 74 6.67 3.53 -33.09
CA THR A 74 5.39 3.74 -33.78
C THR A 74 5.04 2.57 -34.69
N ALA A 75 6.02 1.79 -35.14
CA ALA A 75 5.73 0.66 -36.02
C ALA A 75 4.85 -0.37 -35.33
N ILE A 76 4.94 -0.48 -34.00
CA ILE A 76 4.17 -1.47 -33.27
C ILE A 76 3.39 -0.82 -32.14
N SER A 77 3.17 0.50 -32.25
CA SER A 77 2.27 1.24 -31.36
C SER A 77 2.58 1.00 -29.88
N THR A 78 3.87 0.98 -29.55
CA THR A 78 4.31 0.70 -28.19
C THR A 78 5.20 1.81 -27.67
N ALA A 79 4.95 2.21 -26.43
CA ALA A 79 5.83 3.11 -25.68
C ALA A 79 6.56 2.32 -24.61
N TYR A 80 7.73 2.81 -24.22
CA TYR A 80 8.57 2.12 -23.25
C TYR A 80 9.05 3.09 -22.18
N MET A 81 9.18 2.60 -20.96
CA MET A 81 9.79 3.32 -19.86
C MET A 81 10.93 2.48 -19.31
N GLU A 82 12.14 3.01 -19.38
CA GLU A 82 13.32 2.34 -18.85
C GLU A 82 13.80 3.06 -17.60
N VAL A 83 13.93 2.32 -16.50
CA VAL A 83 14.41 2.85 -15.24
C VAL A 83 15.77 2.23 -14.94
N ASN A 84 16.76 3.06 -14.65
CA ASN A 84 18.13 2.62 -14.48
C ASN A 84 18.59 2.81 -13.04
N GLY A 85 19.63 2.07 -12.66
CA GLY A 85 20.18 2.13 -11.32
C GLY A 85 19.14 1.86 -10.26
N LEU A 86 18.40 0.76 -10.41
CA LEU A 86 17.25 0.50 -9.55
C LEU A 86 17.65 0.39 -8.10
N LYS A 87 16.88 1.04 -7.24
CA LYS A 87 17.03 0.96 -5.80
C LYS A 87 15.73 0.43 -5.19
N SER A 88 15.79 0.12 -3.89
CA SER A 88 14.61 -0.41 -3.22
C SER A 88 13.45 0.58 -3.25
N ASP A 89 13.74 1.87 -3.22
CA ASP A 89 12.69 2.88 -3.29
C ASP A 89 12.16 3.08 -4.71
N ASP A 90 12.66 2.32 -5.68
CA ASP A 90 12.06 2.28 -7.02
C ASP A 90 10.99 1.20 -7.11
N THR A 91 10.76 0.44 -6.05
CA THR A 91 9.66 -0.50 -6.00
C THR A 91 8.34 0.25 -6.09
N ALA A 92 7.56 -0.04 -7.13
CA ALA A 92 6.32 0.69 -7.37
C ALA A 92 5.54 0.00 -8.48
N VAL A 93 4.30 0.45 -8.66
CA VAL A 93 3.53 0.16 -9.86
C VAL A 93 3.76 1.31 -10.84
N TYR A 94 4.12 0.97 -12.07
CA TYR A 94 4.41 1.98 -13.10
C TYR A 94 3.27 1.98 -14.10
N TYR A 95 2.54 3.09 -14.16
CA TYR A 95 1.41 3.25 -15.06
C TYR A 95 1.80 4.07 -16.28
N CYS A 96 1.18 3.73 -17.41
CA CYS A 96 1.12 4.62 -18.56
C CYS A 96 -0.32 5.09 -18.73
N ALA A 97 -0.48 6.24 -19.37
CA ALA A 97 -1.81 6.83 -19.51
C ALA A 97 -1.85 7.68 -20.78
N ARG A 98 -2.96 7.57 -21.51
CA ARG A 98 -3.14 8.34 -22.73
C ARG A 98 -3.62 9.75 -22.41
N ALA A 99 -3.05 10.73 -23.10
CA ALA A 99 -3.40 12.14 -22.89
C ALA A 99 -4.52 12.55 -23.84
N GLY A 100 -5.70 11.95 -23.61
CA GLY A 100 -6.84 12.19 -24.48
C GLY A 100 -7.69 13.40 -24.15
N LEU A 101 -7.43 14.06 -23.02
CA LEU A 101 -8.18 15.25 -22.63
C LEU A 101 -7.52 16.45 -23.27
N HIS A 102 -7.97 16.79 -24.47
CA HIS A 102 -7.40 17.90 -25.22
C HIS A 102 -7.65 19.22 -24.50
N PRO A 103 -6.81 20.22 -24.74
CA PRO A 103 -7.05 21.54 -24.15
C PRO A 103 -8.32 22.16 -24.72
N THR A 104 -8.92 23.06 -23.94
CA THR A 104 -10.09 23.81 -24.39
C THR A 104 -9.75 25.25 -24.74
N THR A 105 -8.62 25.76 -24.29
CA THR A 105 -8.16 27.10 -24.62
C THR A 105 -6.66 27.06 -24.90
N THR A 106 -6.19 28.06 -25.65
CA THR A 106 -4.75 28.22 -25.84
C THR A 106 -4.07 28.84 -24.63
N GLU A 107 -4.83 29.32 -23.66
CA GLU A 107 -4.25 29.77 -22.39
C GLU A 107 -3.62 28.59 -21.64
N TYR A 108 -4.37 27.51 -21.53
CA TYR A 108 -3.98 26.34 -20.74
C TYR A 108 -3.76 25.17 -21.69
N TYR A 109 -2.69 25.27 -22.48
CA TYR A 109 -2.43 24.36 -23.61
C TYR A 109 -1.82 23.07 -23.07
N TYR A 110 -2.70 22.21 -22.53
CA TYR A 110 -2.28 20.99 -21.86
C TYR A 110 -3.20 19.85 -22.26
N TYR A 111 -2.62 18.70 -22.57
CA TYR A 111 -3.37 17.48 -22.89
C TYR A 111 -3.37 16.59 -21.66
N GLY A 112 -4.55 16.44 -21.03
CA GLY A 112 -4.66 15.67 -19.81
C GLY A 112 -4.94 14.20 -20.06
N MET A 113 -4.74 13.40 -19.00
CA MET A 113 -4.84 11.96 -19.10
C MET A 113 -6.28 11.49 -18.97
N ASP A 114 -6.71 10.60 -19.86
CA ASP A 114 -8.05 10.02 -19.77
C ASP A 114 -8.03 8.51 -19.52
N VAL A 115 -7.38 7.72 -20.37
CA VAL A 115 -7.36 6.27 -20.23
C VAL A 115 -6.02 5.83 -19.68
N TRP A 116 -6.05 5.04 -18.60
CA TRP A 116 -4.86 4.53 -17.94
C TRP A 116 -4.65 3.07 -18.25
N GLY A 117 -3.38 2.66 -18.29
CA GLY A 117 -3.05 1.25 -18.30
C GLY A 117 -3.29 0.63 -16.94
N GLN A 118 -3.17 -0.70 -16.89
CA GLN A 118 -3.39 -1.42 -15.64
C GLN A 118 -2.20 -1.38 -14.71
N GLY A 119 -1.05 -0.94 -15.18
CA GLY A 119 0.13 -0.82 -14.34
C GLY A 119 1.06 -2.01 -14.48
N THR A 120 2.35 -1.76 -14.27
CA THR A 120 3.37 -2.80 -14.23
C THR A 120 4.04 -2.76 -12.87
N THR A 121 3.96 -3.87 -12.13
CA THR A 121 4.60 -3.95 -10.83
C THR A 121 6.09 -4.24 -11.00
N VAL A 122 6.92 -3.42 -10.37
CA VAL A 122 8.36 -3.62 -10.33
C VAL A 122 8.77 -3.67 -8.86
N THR A 123 9.37 -4.79 -8.46
CA THR A 123 9.84 -4.98 -7.09
C THR A 123 11.35 -5.15 -7.13
N VAL A 124 12.06 -4.23 -6.48
CA VAL A 124 13.52 -4.25 -6.45
C VAL A 124 13.95 -4.88 -5.13
N SER A 125 14.73 -5.95 -5.21
CA SER A 125 15.10 -6.68 -4.00
C SER A 125 16.31 -7.56 -4.27
N SER A 126 17.13 -7.72 -3.24
CA SER A 126 18.19 -8.73 -3.22
C SER A 126 17.64 -10.13 -2.98
N ALA A 127 16.33 -10.27 -3.07
CA ALA A 127 15.66 -11.52 -2.69
C ALA A 127 15.86 -12.60 -3.74
N SER A 128 16.22 -13.79 -3.28
CA SER A 128 16.17 -15.01 -4.06
C SER A 128 15.16 -15.94 -3.42
N PHE A 129 14.91 -17.08 -4.07
CA PHE A 129 14.04 -18.09 -3.48
C PHE A 129 14.63 -18.56 -2.16
N LYS A 130 13.88 -18.36 -1.07
CA LYS A 130 14.43 -18.53 0.26
C LYS A 130 13.36 -19.08 1.19
N GLY A 131 13.69 -20.17 1.88
CA GLY A 131 12.84 -20.72 2.90
C GLY A 131 12.84 -19.85 4.14
N PRO A 132 11.78 -19.92 4.93
CA PRO A 132 11.67 -19.07 6.10
C PRO A 132 12.33 -19.66 7.34
N SER A 133 12.65 -18.78 8.27
CA SER A 133 12.97 -19.17 9.64
C SER A 133 11.70 -19.05 10.47
N VAL A 134 11.42 -20.06 11.28
CA VAL A 134 10.22 -20.11 12.10
C VAL A 134 10.62 -20.00 13.55
N PHE A 135 10.02 -19.05 14.27
CA PHE A 135 10.30 -18.81 15.67
C PHE A 135 9.02 -18.83 16.47
N PRO A 136 9.09 -19.21 17.75
CA PRO A 136 7.88 -19.28 18.57
C PRO A 136 7.52 -17.95 19.19
N LEU A 137 6.22 -17.67 19.25
CA LEU A 137 5.69 -16.52 19.96
C LEU A 137 5.05 -17.05 21.25
N ALA A 138 5.81 -17.01 22.34
CA ALA A 138 5.46 -17.71 23.56
C ALA A 138 4.16 -17.17 24.15
N PRO A 139 3.38 -18.02 24.83
CA PRO A 139 2.04 -17.62 25.26
C PRO A 139 2.04 -16.43 26.20
N SER A 140 1.09 -15.52 25.97
CA SER A 140 0.79 -14.43 26.86
C SER A 140 -0.71 -14.17 26.81
N SER A 141 -1.26 -13.68 27.92
CA SER A 141 -2.70 -13.46 28.04
C SER A 141 -3.06 -11.99 28.19
N LYS A 142 -2.12 -11.09 27.86
CA LYS A 142 -2.31 -9.67 28.16
C LYS A 142 -3.37 -9.01 27.29
N SER A 143 -3.71 -9.59 26.14
CA SER A 143 -4.65 -8.96 25.20
C SER A 143 -5.78 -9.88 24.79
N THR A 144 -6.01 -10.97 25.52
CA THR A 144 -7.08 -11.90 25.22
C THR A 144 -8.12 -11.88 26.35
N SER A 145 -9.26 -12.50 26.09
CA SER A 145 -10.32 -12.55 27.08
C SER A 145 -9.88 -13.34 28.31
N GLY A 146 -10.62 -13.15 29.40
CA GLY A 146 -10.31 -13.78 30.67
C GLY A 146 -10.17 -15.29 30.59
N GLY A 147 -9.07 -15.81 31.14
CA GLY A 147 -8.85 -17.24 31.16
C GLY A 147 -8.34 -17.84 29.87
N THR A 148 -7.90 -17.02 28.91
CA THR A 148 -7.36 -17.51 27.66
C THR A 148 -6.00 -16.88 27.40
N ALA A 149 -5.21 -17.54 26.56
CA ALA A 149 -3.87 -17.08 26.23
C ALA A 149 -3.65 -17.14 24.74
N ALA A 150 -2.79 -16.27 24.24
CA ALA A 150 -2.43 -16.19 22.84
C ALA A 150 -0.98 -16.61 22.65
N LEU A 151 -0.75 -17.58 21.77
CA LEU A 151 0.59 -18.01 21.39
C LEU A 151 0.64 -18.08 19.87
N GLY A 152 1.85 -18.00 19.33
CA GLY A 152 1.96 -17.95 17.89
C GLY A 152 3.25 -18.44 17.28
N CYS A 153 3.42 -18.17 15.98
CA CYS A 153 4.61 -18.53 15.23
C CYS A 153 4.97 -17.38 14.31
N LEU A 154 6.24 -16.95 14.37
CA LEU A 154 6.75 -15.95 13.46
C LEU A 154 7.45 -16.66 12.30
N VAL A 155 6.94 -16.45 11.09
CA VAL A 155 7.51 -17.02 9.87
C VAL A 155 8.22 -15.89 9.14
N LYS A 156 9.55 -15.88 9.20
CA LYS A 156 10.34 -14.71 8.87
C LYS A 156 11.18 -14.91 7.62
N ASP A 157 11.19 -13.89 6.76
CA ASP A 157 12.14 -13.74 5.66
C ASP A 157 12.10 -14.93 4.70
N TYR A 158 11.02 -14.96 3.92
CA TYR A 158 10.85 -15.96 2.87
C TYR A 158 10.47 -15.27 1.57
N PHE A 159 10.69 -15.98 0.47
CA PHE A 159 10.36 -15.47 -0.86
C PHE A 159 10.30 -16.65 -1.82
N PRO A 160 9.29 -16.74 -2.69
CA PRO A 160 8.18 -15.79 -2.78
C PRO A 160 6.96 -16.28 -2.01
N GLU A 161 5.84 -15.56 -2.11
CA GLU A 161 4.59 -16.02 -1.54
C GLU A 161 4.16 -17.31 -2.25
N PRO A 162 3.34 -18.15 -1.58
CA PRO A 162 2.78 -17.99 -0.24
C PRO A 162 3.38 -18.91 0.82
N VAL A 163 3.04 -18.63 2.07
CA VAL A 163 3.32 -19.53 3.19
C VAL A 163 1.99 -19.88 3.82
N THR A 164 1.74 -21.17 4.02
CA THR A 164 0.53 -21.65 4.68
C THR A 164 0.88 -22.13 6.08
N VAL A 165 -0.01 -21.87 7.03
CA VAL A 165 0.18 -22.24 8.43
C VAL A 165 -1.08 -22.95 8.92
N SER A 166 -0.90 -24.13 9.51
CA SER A 166 -1.94 -24.83 10.23
C SER A 166 -1.47 -25.06 11.66
N TRP A 167 -2.34 -25.62 12.49
CA TRP A 167 -2.03 -25.85 13.90
C TRP A 167 -2.41 -27.26 14.29
N ASN A 168 -1.45 -28.00 14.85
CA ASN A 168 -1.66 -29.39 15.25
C ASN A 168 -2.21 -30.22 14.11
N SER A 169 -1.66 -30.00 12.91
CA SER A 169 -2.00 -30.76 11.71
C SER A 169 -3.49 -30.62 11.34
N GLY A 170 -4.06 -29.46 11.61
CA GLY A 170 -5.44 -29.17 11.25
C GLY A 170 -6.44 -29.45 12.35
N ALA A 171 -6.05 -30.16 13.41
CA ALA A 171 -6.97 -30.43 14.51
C ALA A 171 -7.38 -29.17 15.24
N LEU A 172 -6.58 -28.11 15.15
CA LEU A 172 -6.84 -26.85 15.84
C LEU A 172 -7.14 -25.78 14.80
N THR A 173 -8.40 -25.33 14.76
CA THR A 173 -8.82 -24.32 13.81
C THR A 173 -9.54 -23.16 14.51
N SER A 174 -10.23 -23.46 15.60
CA SER A 174 -10.98 -22.43 16.32
C SER A 174 -10.03 -21.47 17.02
N GLY A 175 -10.26 -20.17 16.82
CA GLY A 175 -9.41 -19.16 17.44
C GLY A 175 -8.06 -18.99 16.81
N VAL A 176 -7.87 -19.43 15.56
CA VAL A 176 -6.62 -19.28 14.83
C VAL A 176 -6.71 -18.02 13.98
N HIS A 177 -5.70 -17.17 14.06
CA HIS A 177 -5.63 -15.93 13.29
C HIS A 177 -4.27 -15.86 12.61
N THR A 178 -4.24 -16.07 11.30
CA THR A 178 -3.03 -15.95 10.52
C THR A 178 -3.05 -14.62 9.77
N PHE A 179 -2.10 -13.76 10.08
CA PHE A 179 -2.09 -12.42 9.50
C PHE A 179 -1.41 -12.43 8.13
N PRO A 180 -1.92 -11.68 7.17
CA PRO A 180 -1.28 -11.63 5.85
C PRO A 180 0.16 -11.12 5.96
N ALA A 181 1.00 -11.60 5.05
CA ALA A 181 2.42 -11.32 5.12
C ALA A 181 2.72 -9.84 4.89
N VAL A 182 3.80 -9.38 5.51
CA VAL A 182 4.37 -8.07 5.20
C VAL A 182 5.46 -8.26 4.18
N LEU A 183 5.58 -7.30 3.26
CA LEU A 183 6.67 -7.27 2.29
C LEU A 183 7.62 -6.16 2.71
N GLN A 184 8.88 -6.52 2.97
CA GLN A 184 9.85 -5.61 3.56
C GLN A 184 10.82 -5.09 2.49
N SER A 185 11.59 -4.07 2.89
CA SER A 185 12.55 -3.44 1.99
C SER A 185 13.48 -4.47 1.36
N SER A 186 13.85 -5.50 2.13
CA SER A 186 14.67 -6.58 1.61
C SER A 186 14.01 -7.31 0.44
N GLY A 187 12.71 -7.10 0.24
CA GLY A 187 11.96 -7.89 -0.71
C GLY A 187 11.58 -9.26 -0.20
N LEU A 188 11.82 -9.55 1.07
CA LEU A 188 11.44 -10.79 1.70
C LEU A 188 10.13 -10.60 2.47
N TYR A 189 9.39 -11.69 2.62
CA TYR A 189 8.10 -11.66 3.30
C TYR A 189 8.22 -12.23 4.71
N SER A 190 7.36 -11.73 5.60
CA SER A 190 7.23 -12.25 6.94
C SER A 190 5.76 -12.23 7.33
N LEU A 191 5.31 -13.27 8.03
CA LEU A 191 3.94 -13.31 8.54
C LEU A 191 3.94 -13.92 9.94
N SER A 192 2.81 -13.76 10.62
CA SER A 192 2.61 -14.32 11.94
C SER A 192 1.25 -15.02 11.99
N SER A 193 1.17 -16.06 12.81
CA SER A 193 -0.07 -16.79 13.02
C SER A 193 -0.21 -17.09 14.51
N VAL A 194 -1.32 -16.66 15.10
CA VAL A 194 -1.56 -16.81 16.53
C VAL A 194 -2.87 -17.53 16.75
N VAL A 195 -2.93 -18.33 17.81
CA VAL A 195 -4.14 -19.05 18.21
C VAL A 195 -4.42 -18.73 19.68
N THR A 196 -5.67 -18.39 19.97
CA THR A 196 -6.10 -18.11 21.33
C THR A 196 -6.64 -19.39 21.95
N VAL A 197 -6.02 -19.81 23.05
CA VAL A 197 -6.31 -21.11 23.65
C VAL A 197 -6.61 -20.91 25.14
N PRO A 198 -7.24 -21.89 25.78
CA PRO A 198 -7.45 -21.80 27.24
C PRO A 198 -6.12 -21.79 27.98
N SER A 199 -6.06 -20.97 29.03
CA SER A 199 -4.82 -20.86 29.81
C SER A 199 -4.51 -22.16 30.52
N SER A 200 -5.54 -22.84 31.04
CA SER A 200 -5.32 -24.09 31.76
C SER A 200 -4.68 -25.16 30.87
N SER A 201 -4.99 -25.14 29.57
CA SER A 201 -4.52 -26.15 28.64
C SER A 201 -3.02 -26.07 28.38
N LEU A 202 -2.33 -25.02 28.84
CA LEU A 202 -0.94 -24.83 28.48
C LEU A 202 -0.04 -25.91 29.04
N GLY A 203 -0.38 -26.46 30.21
CA GLY A 203 0.38 -27.58 30.74
C GLY A 203 0.01 -28.90 30.10
N THR A 204 -1.25 -29.06 29.69
CA THR A 204 -1.71 -30.34 29.17
C THR A 204 -1.42 -30.50 27.67
N GLN A 205 -1.85 -29.53 26.86
CA GLN A 205 -1.91 -29.70 25.42
C GLN A 205 -0.67 -29.14 24.72
N THR A 206 -0.17 -29.89 23.75
CA THR A 206 0.94 -29.45 22.91
C THR A 206 0.40 -28.65 21.73
N TYR A 207 1.08 -27.55 21.40
CA TYR A 207 0.70 -26.68 20.31
C TYR A 207 1.84 -26.60 19.30
N ILE A 208 1.56 -26.98 18.06
CA ILE A 208 2.54 -27.00 16.99
C ILE A 208 1.96 -26.26 15.79
N CYS A 209 2.71 -25.30 15.27
CA CYS A 209 2.35 -24.66 14.01
C CYS A 209 3.04 -25.39 12.87
N ASN A 210 2.26 -25.75 11.86
CA ASN A 210 2.78 -26.48 10.69
C ASN A 210 2.96 -25.46 9.56
N VAL A 211 4.21 -25.08 9.33
CA VAL A 211 4.56 -24.08 8.33
C VAL A 211 4.99 -24.79 7.05
N ASN A 212 4.39 -24.40 5.93
CA ASN A 212 4.71 -24.98 4.63
C ASN A 212 5.00 -23.86 3.65
N HIS A 213 6.21 -23.86 3.10
CA HIS A 213 6.62 -22.92 2.05
C HIS A 213 6.99 -23.76 0.83
N LYS A 214 5.98 -24.08 0.01
CA LYS A 214 6.19 -24.88 -1.19
C LYS A 214 7.25 -24.32 -2.15
N PRO A 215 7.29 -23.01 -2.45
CA PRO A 215 8.28 -22.53 -3.43
C PRO A 215 9.73 -22.85 -3.09
N SER A 216 10.05 -23.05 -1.81
CA SER A 216 11.39 -23.46 -1.41
C SER A 216 11.43 -24.90 -0.89
N ASN A 217 10.31 -25.60 -0.94
CA ASN A 217 10.19 -26.98 -0.46
C ASN A 217 10.67 -27.10 0.99
N THR A 218 10.20 -26.16 1.81
CA THR A 218 10.53 -26.13 3.23
C THR A 218 9.27 -26.37 4.06
N LYS A 219 9.38 -27.26 5.03
CA LYS A 219 8.32 -27.48 6.01
C LYS A 219 8.92 -27.43 7.41
N VAL A 220 8.21 -26.80 8.34
CA VAL A 220 8.62 -26.72 9.73
C VAL A 220 7.40 -26.98 10.60
N ASP A 221 7.55 -27.88 11.58
CA ASP A 221 6.55 -28.07 12.63
C ASP A 221 7.17 -27.53 13.92
N LYS A 222 6.85 -26.29 14.24
CA LYS A 222 7.45 -25.59 15.37
C LYS A 222 6.55 -25.76 16.60
N LYS A 223 7.07 -26.45 17.61
CA LYS A 223 6.37 -26.57 18.88
C LYS A 223 6.55 -25.29 19.69
N VAL A 224 5.44 -24.79 20.26
CA VAL A 224 5.42 -23.51 20.97
C VAL A 224 5.13 -23.81 22.43
N GLU A 225 6.15 -23.68 23.27
CA GLU A 225 6.06 -23.98 24.69
C GLU A 225 5.82 -22.71 25.51
N PRO A 226 5.25 -22.83 26.71
CA PRO A 226 4.98 -21.64 27.52
C PRO A 226 6.23 -20.89 27.95
N LYS A 227 7.38 -21.54 28.02
CA LYS A 227 8.64 -20.91 28.42
C LYS A 227 8.53 -20.22 29.78
N SER B 2 4.97 24.10 -7.15
CA SER B 2 3.52 24.06 -7.13
C SER B 2 3.04 22.76 -6.47
N VAL B 3 2.12 22.90 -5.52
CA VAL B 3 1.63 21.77 -4.73
C VAL B 3 0.11 21.85 -4.63
N LEU B 4 -0.55 20.72 -4.79
CA LEU B 4 -1.99 20.59 -4.56
C LEU B 4 -2.22 19.96 -3.20
N THR B 5 -3.03 20.61 -2.38
CA THR B 5 -3.31 20.15 -1.02
C THR B 5 -4.66 19.46 -0.97
N GLN B 6 -4.66 18.19 -0.59
CA GLN B 6 -5.87 17.43 -0.35
C GLN B 6 -5.90 16.94 1.09
N PRO B 7 -7.07 16.91 1.72
CA PRO B 7 -7.19 16.23 3.02
C PRO B 7 -6.88 14.75 2.86
N PRO B 8 -6.11 14.18 3.78
CA PRO B 8 -5.73 12.76 3.63
C PRO B 8 -6.92 11.80 3.67
N SER B 9 -7.98 12.14 4.39
CA SER B 9 -9.10 11.23 4.51
C SER B 9 -10.40 12.01 4.70
N VAL B 10 -11.48 11.46 4.16
CA VAL B 10 -12.84 11.93 4.40
C VAL B 10 -13.70 10.71 4.68
N SER B 11 -14.59 10.82 5.65
CA SER B 11 -15.49 9.73 6.03
C SER B 11 -16.93 10.21 5.98
N VAL B 12 -17.81 9.38 5.40
CA VAL B 12 -19.23 9.64 5.33
C VAL B 12 -19.99 8.34 5.49
N ALA B 13 -21.24 8.46 5.89
CA ALA B 13 -22.18 7.35 5.92
C ALA B 13 -22.89 7.24 4.57
N PRO B 14 -23.35 6.05 4.20
CA PRO B 14 -24.05 5.90 2.92
C PRO B 14 -25.25 6.83 2.82
N GLY B 15 -25.49 7.34 1.61
CA GLY B 15 -26.52 8.31 1.38
C GLY B 15 -26.12 9.75 1.63
N GLN B 16 -25.07 9.98 2.40
CA GLN B 16 -24.59 11.33 2.66
C GLN B 16 -23.80 11.85 1.46
N THR B 17 -23.38 13.11 1.55
CA THR B 17 -22.62 13.76 0.48
C THR B 17 -21.19 13.97 0.96
N ALA B 18 -20.24 13.46 0.18
CA ALA B 18 -18.82 13.63 0.46
C ALA B 18 -18.28 14.81 -0.34
N ARG B 19 -17.37 15.56 0.28
CA ARG B 19 -16.74 16.71 -0.34
C ARG B 19 -15.24 16.60 -0.18
N ILE B 20 -14.51 16.59 -1.29
CA ILE B 20 -13.06 16.44 -1.30
C ILE B 20 -12.47 17.70 -1.93
N THR B 21 -11.65 18.41 -1.17
CA THR B 21 -11.07 19.67 -1.62
C THR B 21 -9.68 19.47 -2.18
N CYS B 22 -9.32 20.33 -3.13
CA CYS B 22 -7.98 20.33 -3.75
C CYS B 22 -7.49 21.78 -3.73
N GLY B 23 -6.61 22.10 -2.77
CA GLY B 23 -6.16 23.45 -2.57
C GLY B 23 -4.91 23.77 -3.36
N GLY B 24 -4.92 24.91 -4.03
CA GLY B 24 -3.76 25.37 -4.78
C GLY B 24 -3.91 26.82 -5.16
N ASN B 25 -2.79 27.53 -5.20
CA ASN B 25 -2.81 28.94 -5.52
C ASN B 25 -3.23 29.15 -6.97
N ASP B 26 -4.28 29.95 -7.18
CA ASP B 26 -4.80 30.26 -8.51
C ASP B 26 -5.23 28.99 -9.25
N ILE B 27 -5.68 27.98 -8.52
CA ILE B 27 -6.15 26.76 -9.16
C ILE B 27 -7.42 27.01 -9.96
N GLY B 28 -8.16 28.07 -9.64
CA GLY B 28 -9.33 28.44 -10.44
C GLY B 28 -9.00 28.80 -11.87
N ARG B 29 -7.75 29.20 -12.14
CA ARG B 29 -7.32 29.51 -13.50
C ARG B 29 -6.94 28.25 -14.27
N LYS B 30 -6.66 27.15 -13.58
CA LYS B 30 -6.29 25.89 -14.22
C LYS B 30 -7.51 24.99 -14.33
N SER B 31 -7.44 24.03 -15.25
CA SER B 31 -8.49 23.05 -15.46
C SER B 31 -8.15 21.78 -14.67
N VAL B 32 -9.03 21.42 -13.74
CA VAL B 32 -8.79 20.34 -12.79
C VAL B 32 -9.48 19.07 -13.27
N HIS B 33 -8.75 17.96 -13.28
CA HIS B 33 -9.32 16.65 -13.51
C HIS B 33 -9.21 15.82 -12.23
N TRP B 34 -10.17 14.91 -12.05
CA TRP B 34 -10.26 14.11 -10.83
C TRP B 34 -10.19 12.63 -11.19
N ASN B 35 -9.34 11.89 -10.48
CA ASN B 35 -9.21 10.45 -10.66
C ASN B 35 -9.76 9.71 -9.46
N GLN B 36 -10.42 8.58 -9.72
CA GLN B 36 -10.84 7.66 -8.68
C GLN B 36 -10.02 6.38 -8.80
N GLN B 37 -9.41 5.95 -7.71
CA GLN B 37 -8.64 4.72 -7.67
C GLN B 37 -9.11 3.87 -6.52
N LYS B 38 -9.56 2.67 -6.82
CA LYS B 38 -9.90 1.66 -5.83
C LYS B 38 -8.76 0.66 -5.73
N PRO B 39 -8.67 -0.07 -4.60
CA PRO B 39 -7.67 -1.14 -4.52
C PRO B 39 -7.94 -2.20 -5.60
N GLY B 40 -6.90 -2.53 -6.36
CA GLY B 40 -7.10 -3.38 -7.50
C GLY B 40 -7.80 -2.70 -8.65
N GLN B 41 -7.78 -1.38 -8.69
CA GLN B 41 -8.23 -0.59 -9.82
C GLN B 41 -7.11 0.33 -10.26
N ALA B 42 -7.04 0.57 -11.55
CA ALA B 42 -6.19 1.66 -12.03
C ALA B 42 -6.96 2.96 -11.99
N PRO B 43 -6.27 4.10 -11.93
CA PRO B 43 -6.98 5.38 -11.85
C PRO B 43 -7.98 5.55 -12.98
N VAL B 44 -9.20 5.98 -12.61
CA VAL B 44 -10.29 6.20 -13.54
C VAL B 44 -10.75 7.64 -13.41
N LEU B 45 -11.08 8.26 -14.56
CA LEU B 45 -11.54 9.63 -14.60
C LEU B 45 -13.00 9.71 -14.11
N VAL B 46 -13.25 10.53 -13.09
CA VAL B 46 -14.60 10.77 -12.63
C VAL B 46 -15.05 12.21 -12.86
N VAL B 47 -14.13 13.16 -12.94
CA VAL B 47 -14.45 14.54 -13.30
C VAL B 47 -13.33 15.05 -14.21
N CYS B 48 -13.71 15.70 -15.30
CA CYS B 48 -12.77 16.35 -16.20
C CYS B 48 -13.19 17.79 -16.43
N TYR B 49 -12.20 18.66 -16.62
CA TYR B 49 -12.43 20.09 -16.90
C TYR B 49 -13.29 20.73 -15.81
N ASP B 50 -12.83 20.63 -14.57
CA ASP B 50 -13.46 21.23 -13.40
C ASP B 50 -14.78 20.56 -13.01
N SER B 51 -15.74 20.52 -13.95
CA SER B 51 -17.10 20.11 -13.62
C SER B 51 -17.73 19.14 -14.60
N ASP B 52 -17.10 18.85 -15.74
CA ASP B 52 -17.72 17.98 -16.73
C ASP B 52 -17.77 16.55 -16.22
N ARG B 53 -18.81 15.83 -16.64
CA ARG B 53 -19.02 14.45 -16.23
C ARG B 53 -18.61 13.52 -17.37
N PRO B 54 -17.65 12.63 -17.17
CA PRO B 54 -17.25 11.71 -18.25
C PRO B 54 -18.32 10.66 -18.51
N SER B 55 -18.12 9.92 -19.59
CA SER B 55 -19.07 8.89 -19.98
C SER B 55 -19.11 7.77 -18.95
N GLY B 56 -20.32 7.31 -18.63
CA GLY B 56 -20.52 6.22 -17.71
C GLY B 56 -20.49 6.58 -16.25
N ILE B 57 -19.98 7.76 -15.89
CA ILE B 57 -19.89 8.16 -14.48
C ILE B 57 -21.26 8.63 -14.01
N PRO B 58 -21.76 8.15 -12.87
CA PRO B 58 -23.05 8.62 -12.38
C PRO B 58 -23.06 10.12 -12.15
N GLU B 59 -24.23 10.72 -12.30
CA GLU B 59 -24.35 12.17 -12.12
C GLU B 59 -24.17 12.60 -10.67
N ARG B 60 -24.08 11.65 -9.73
CA ARG B 60 -23.75 11.98 -8.35
C ARG B 60 -22.37 12.61 -8.24
N PHE B 61 -21.48 12.34 -9.20
CA PHE B 61 -20.12 12.86 -9.18
C PHE B 61 -20.11 14.22 -9.85
N SER B 62 -19.88 15.27 -9.06
CA SER B 62 -19.87 16.65 -9.54
C SER B 62 -18.65 17.37 -8.99
N GLY B 63 -18.02 18.18 -9.85
CA GLY B 63 -16.87 18.95 -9.43
C GLY B 63 -17.08 20.44 -9.59
N SER B 64 -16.33 21.23 -8.85
CA SER B 64 -16.36 22.69 -8.98
C SER B 64 -14.96 23.22 -8.76
N ASN B 65 -14.71 24.43 -9.27
CA ASN B 65 -13.38 25.03 -9.18
C ASN B 65 -13.50 26.53 -9.28
N SER B 66 -12.91 27.24 -8.31
CA SER B 66 -12.85 28.69 -8.30
C SER B 66 -11.87 29.13 -7.23
N GLY B 67 -11.27 30.30 -7.43
CA GLY B 67 -10.39 30.87 -6.43
C GLY B 67 -9.15 30.01 -6.22
N ASN B 68 -8.99 29.53 -4.99
CA ASN B 68 -7.84 28.70 -4.62
C ASN B 68 -8.24 27.27 -4.26
N THR B 69 -9.43 26.84 -4.65
CA THR B 69 -9.93 25.54 -4.22
C THR B 69 -10.80 24.91 -5.29
N ALA B 70 -10.47 23.67 -5.65
CA ALA B 70 -11.34 22.81 -6.45
C ALA B 70 -11.93 21.74 -5.54
N THR B 71 -13.20 21.43 -5.76
CA THR B 71 -13.93 20.50 -4.89
C THR B 71 -14.58 19.41 -5.71
N LEU B 72 -14.38 18.16 -5.30
CA LEU B 72 -15.12 17.03 -5.81
C LEU B 72 -16.27 16.72 -4.85
N THR B 73 -17.48 16.69 -5.37
CA THR B 73 -18.68 16.45 -4.57
C THR B 73 -19.36 15.18 -5.07
N ILE B 74 -19.57 14.24 -4.15
CA ILE B 74 -20.21 12.96 -4.46
C ILE B 74 -21.50 12.88 -3.65
N SER B 75 -22.63 13.01 -4.33
CA SER B 75 -23.93 12.96 -3.67
C SER B 75 -24.39 11.52 -3.52
N ARG B 76 -25.20 11.27 -2.49
CA ARG B 76 -25.82 9.97 -2.24
C ARG B 76 -24.77 8.86 -2.28
N VAL B 77 -23.78 8.99 -1.39
CA VAL B 77 -22.60 8.14 -1.44
C VAL B 77 -22.99 6.68 -1.23
N GLU B 78 -22.45 5.81 -2.07
CA GLU B 78 -22.62 4.37 -1.97
C GLU B 78 -21.32 3.72 -1.52
N ALA B 79 -21.43 2.46 -1.07
CA ALA B 79 -20.25 1.75 -0.60
C ALA B 79 -19.20 1.59 -1.70
N GLY B 80 -19.64 1.47 -2.95
CA GLY B 80 -18.71 1.36 -4.07
C GLY B 80 -17.87 2.60 -4.31
N ASP B 81 -18.25 3.73 -3.73
CA ASP B 81 -17.50 4.97 -3.90
C ASP B 81 -16.26 5.03 -3.01
N GLU B 82 -16.11 4.11 -2.07
CA GLU B 82 -14.92 4.08 -1.22
C GLU B 82 -13.67 3.86 -2.08
N ALA B 83 -12.79 4.85 -2.07
CA ALA B 83 -11.62 4.83 -2.96
C ALA B 83 -10.69 5.98 -2.58
N ASP B 84 -9.55 6.02 -3.24
CA ASP B 84 -8.65 7.17 -3.18
C ASP B 84 -8.94 8.08 -4.38
N TYR B 85 -9.07 9.37 -4.12
CA TYR B 85 -9.38 10.34 -5.15
C TYR B 85 -8.22 11.33 -5.28
N TYR B 86 -7.82 11.61 -6.52
CA TYR B 86 -6.69 12.47 -6.81
C TYR B 86 -7.12 13.58 -7.75
N CYS B 87 -6.82 14.82 -7.39
CA CYS B 87 -6.94 15.94 -8.32
C CYS B 87 -5.63 16.07 -9.09
N GLN B 88 -5.74 16.50 -10.34
CA GLN B 88 -4.57 16.64 -11.19
C GLN B 88 -4.63 17.97 -11.93
N VAL B 89 -3.46 18.58 -12.11
CA VAL B 89 -3.33 19.91 -12.68
C VAL B 89 -1.99 19.97 -13.42
N TRP B 90 -1.94 20.80 -14.47
CA TRP B 90 -0.70 21.10 -15.16
C TRP B 90 -0.19 22.47 -14.71
N ASP B 91 1.09 22.50 -14.29
CA ASP B 91 1.73 23.74 -13.84
C ASP B 91 2.61 24.25 -14.98
N SER B 92 2.15 25.32 -15.64
CA SER B 92 2.84 25.81 -16.83
C SER B 92 4.22 26.37 -16.52
N SER B 93 4.40 26.95 -15.32
CA SER B 93 5.69 27.57 -15.00
C SER B 93 6.80 26.53 -14.88
N SER B 94 6.46 25.29 -14.54
CA SER B 94 7.43 24.22 -14.45
C SER B 94 7.23 23.13 -15.50
N ASP B 95 6.17 23.21 -16.29
CA ASP B 95 5.82 22.17 -17.28
C ASP B 95 5.69 20.80 -16.61
N HIS B 96 5.08 20.79 -15.43
CA HIS B 96 4.89 19.57 -14.66
C HIS B 96 3.40 19.27 -14.52
N VAL B 97 3.06 17.99 -14.69
CA VAL B 97 1.77 17.49 -14.24
C VAL B 97 1.88 17.23 -12.74
N ILE B 98 0.94 17.73 -11.97
CA ILE B 98 0.96 17.62 -10.51
C ILE B 98 -0.31 16.93 -10.05
N PHE B 99 -0.14 15.88 -9.24
CA PHE B 99 -1.25 15.22 -8.57
C PHE B 99 -1.34 15.73 -7.14
N GLY B 100 -2.54 15.83 -6.63
CA GLY B 100 -2.73 16.01 -5.20
C GLY B 100 -2.25 14.78 -4.43
N GLY B 101 -2.08 14.97 -3.13
CA GLY B 101 -1.64 13.87 -2.28
C GLY B 101 -2.62 12.71 -2.23
N GLY B 102 -3.87 12.95 -2.63
CA GLY B 102 -4.87 11.90 -2.60
C GLY B 102 -5.71 11.92 -1.33
N THR B 103 -7.00 11.70 -1.47
CA THR B 103 -7.92 11.61 -0.34
C THR B 103 -8.55 10.23 -0.33
N LYS B 104 -8.43 9.54 0.80
CA LYS B 104 -9.12 8.27 0.97
C LYS B 104 -10.53 8.53 1.46
N LEU B 105 -11.52 8.20 0.63
CA LEU B 105 -12.91 8.31 1.02
C LEU B 105 -13.34 7.01 1.68
N THR B 106 -13.71 7.09 2.96
CA THR B 106 -14.22 5.95 3.71
C THR B 106 -15.73 6.04 3.79
N VAL B 107 -16.41 4.98 3.36
CA VAL B 107 -17.86 4.89 3.46
C VAL B 107 -18.18 4.01 4.66
N LEU B 108 -18.74 4.62 5.71
CA LEU B 108 -18.92 3.96 7.00
C LEU B 108 -20.13 3.03 6.92
N GLY B 109 -19.87 1.74 6.77
CA GLY B 109 -20.91 0.73 6.65
C GLY B 109 -21.20 -0.06 7.91
N GLN B 110 -20.56 0.25 9.03
CA GLN B 110 -20.82 -0.41 10.30
C GLN B 110 -20.25 0.47 11.40
N PRO B 111 -20.70 0.29 12.65
CA PRO B 111 -20.19 1.13 13.74
C PRO B 111 -18.69 0.96 13.94
N LYS B 112 -18.09 1.97 14.55
CA LYS B 112 -16.65 1.93 14.85
C LYS B 112 -16.35 0.79 15.80
N ALA B 113 -15.22 0.11 15.56
CA ALA B 113 -14.72 -0.94 16.45
C ALA B 113 -13.27 -0.64 16.77
N ASN B 114 -12.92 -0.71 18.06
CA ASN B 114 -11.59 -0.36 18.50
C ASN B 114 -10.61 -1.51 18.27
N PRO B 115 -9.35 -1.20 17.98
CA PRO B 115 -8.38 -2.27 17.71
C PRO B 115 -7.94 -3.00 18.96
N THR B 116 -7.67 -4.28 18.79
CA THR B 116 -6.99 -5.09 19.80
C THR B 116 -5.53 -5.24 19.38
N VAL B 117 -4.61 -4.91 20.29
CA VAL B 117 -3.19 -4.89 19.99
C VAL B 117 -2.49 -5.96 20.82
N THR B 118 -1.77 -6.84 20.13
CA THR B 118 -0.95 -7.88 20.76
C THR B 118 0.50 -7.69 20.33
N LEU B 119 1.39 -7.60 21.30
CA LEU B 119 2.80 -7.33 21.04
C LEU B 119 3.64 -8.46 21.62
N PHE B 120 4.46 -9.10 20.77
CA PHE B 120 5.37 -10.16 21.17
C PHE B 120 6.81 -9.67 21.15
N PRO B 121 7.61 -10.01 22.16
CA PRO B 121 9.03 -9.68 22.13
C PRO B 121 9.77 -10.64 21.22
N PRO B 122 11.01 -10.33 20.86
CA PRO B 122 11.81 -11.30 20.11
C PRO B 122 12.03 -12.57 20.92
N SER B 123 12.00 -13.70 20.24
CA SER B 123 12.21 -14.98 20.90
C SER B 123 13.69 -15.18 21.19
N SER B 124 13.97 -15.96 22.23
CA SER B 124 15.36 -16.29 22.56
C SER B 124 16.03 -17.04 21.42
N GLU B 125 15.26 -17.88 20.71
CA GLU B 125 15.82 -18.62 19.59
C GLU B 125 16.25 -17.68 18.47
N GLU B 126 15.48 -16.61 18.23
CA GLU B 126 15.86 -15.67 17.19
C GLU B 126 17.09 -14.87 17.59
N LEU B 127 17.18 -14.49 18.87
CA LEU B 127 18.37 -13.78 19.34
C LEU B 127 19.62 -14.63 19.15
N GLN B 128 19.52 -15.93 19.38
CA GLN B 128 20.65 -16.83 19.15
C GLN B 128 21.04 -16.88 17.67
N ALA B 129 20.14 -16.51 16.77
CA ALA B 129 20.45 -16.35 15.36
C ALA B 129 20.91 -14.94 15.02
N ASN B 130 21.24 -14.13 16.04
CA ASN B 130 21.75 -12.77 15.86
C ASN B 130 20.74 -11.86 15.18
N LYS B 131 19.45 -12.07 15.44
CA LYS B 131 18.40 -11.20 14.96
C LYS B 131 17.39 -10.96 16.09
N ALA B 132 16.55 -9.96 15.90
CA ALA B 132 15.51 -9.63 16.87
C ALA B 132 14.36 -8.96 16.15
N THR B 133 13.16 -9.52 16.30
CA THR B 133 11.97 -9.01 15.64
C THR B 133 10.86 -8.84 16.65
N LEU B 134 10.32 -7.63 16.75
CA LEU B 134 9.13 -7.37 17.53
C LEU B 134 7.91 -7.47 16.62
N VAL B 135 6.87 -8.15 17.10
CA VAL B 135 5.69 -8.43 16.31
C VAL B 135 4.49 -7.76 16.98
N CYS B 136 3.86 -6.82 16.26
CA CYS B 136 2.71 -6.08 16.76
C CYS B 136 1.51 -6.47 15.90
N LEU B 137 0.55 -7.17 16.50
CA LEU B 137 -0.62 -7.68 15.80
C LEU B 137 -1.84 -6.87 16.19
N ILE B 138 -2.57 -6.39 15.19
CA ILE B 138 -3.71 -5.49 15.37
C ILE B 138 -4.92 -6.14 14.72
N SER B 139 -6.04 -6.18 15.45
CA SER B 139 -7.20 -6.91 14.97
C SER B 139 -8.49 -6.27 15.45
N ASP B 140 -9.59 -6.63 14.78
CA ASP B 140 -10.96 -6.34 15.21
C ASP B 140 -11.29 -4.85 15.18
N PHE B 141 -10.72 -4.08 14.26
CA PHE B 141 -11.00 -2.67 14.18
C PHE B 141 -11.75 -2.33 12.90
N TYR B 142 -12.56 -1.27 12.97
CA TYR B 142 -13.29 -0.70 11.86
C TYR B 142 -13.43 0.79 12.17
N PRO B 143 -13.21 1.69 11.20
CA PRO B 143 -12.82 1.44 9.80
C PRO B 143 -11.41 0.87 9.65
N GLY B 144 -11.11 0.33 8.46
CA GLY B 144 -9.83 -0.29 8.22
C GLY B 144 -8.73 0.69 7.87
N ALA B 145 -8.49 1.64 8.76
CA ALA B 145 -7.42 2.62 8.59
C ALA B 145 -6.74 2.83 9.93
N VAL B 146 -5.41 2.67 9.95
CA VAL B 146 -4.65 2.67 11.19
C VAL B 146 -3.25 3.16 10.91
N THR B 147 -2.63 3.77 11.92
CA THR B 147 -1.24 4.22 11.84
C THR B 147 -0.50 3.68 13.06
N VAL B 148 0.68 3.10 12.81
CA VAL B 148 1.49 2.48 13.85
C VAL B 148 2.77 3.30 14.02
N ALA B 149 3.14 3.54 15.28
CA ALA B 149 4.39 4.21 15.62
C ALA B 149 5.09 3.40 16.70
N TRP B 150 6.40 3.27 16.56
CA TRP B 150 7.22 2.54 17.52
C TRP B 150 8.09 3.52 18.31
N LYS B 151 8.27 3.25 19.60
CA LYS B 151 9.15 4.03 20.44
C LYS B 151 10.04 3.11 21.26
N ALA B 152 11.11 3.70 21.80
CA ALA B 152 12.05 2.97 22.65
C ALA B 152 12.60 3.91 23.70
N ASP B 153 12.36 3.59 24.97
CA ASP B 153 12.78 4.43 26.10
C ASP B 153 12.22 5.85 25.96
N SER B 154 10.98 5.95 25.47
CA SER B 154 10.33 7.23 25.19
C SER B 154 11.16 8.03 24.17
N SER B 155 11.17 7.50 22.94
CA SER B 155 11.87 8.09 21.81
C SER B 155 11.43 7.41 20.52
N PRO B 156 11.04 8.16 19.50
CA PRO B 156 10.51 7.54 18.28
C PRO B 156 11.55 6.69 17.54
N VAL B 157 11.07 5.64 16.91
CA VAL B 157 11.87 4.71 16.12
C VAL B 157 11.18 4.51 14.78
N LYS B 158 11.84 4.92 13.69
CA LYS B 158 11.31 4.68 12.37
C LYS B 158 12.18 3.78 11.50
N ALA B 159 13.42 3.52 11.90
CA ALA B 159 14.25 2.58 11.15
C ALA B 159 13.85 1.15 11.49
N GLY B 160 13.62 0.35 10.45
CA GLY B 160 13.30 -1.05 10.62
C GLY B 160 11.83 -1.37 10.80
N VAL B 161 10.94 -0.39 10.64
CA VAL B 161 9.51 -0.59 10.83
C VAL B 161 8.87 -0.99 9.51
N GLU B 162 8.06 -2.04 9.53
CA GLU B 162 7.31 -2.48 8.35
C GLU B 162 5.89 -2.82 8.79
N THR B 163 4.91 -2.16 8.18
CA THR B 163 3.51 -2.30 8.53
C THR B 163 2.71 -2.72 7.31
N THR B 164 1.84 -3.71 7.49
CA THR B 164 0.92 -4.11 6.44
C THR B 164 -0.25 -3.13 6.37
N THR B 165 -0.96 -3.17 5.25
CA THR B 165 -2.22 -2.45 5.18
C THR B 165 -3.34 -3.33 5.73
N PRO B 166 -4.41 -2.73 6.24
CA PRO B 166 -5.47 -3.53 6.85
C PRO B 166 -6.13 -4.48 5.86
N SER B 167 -6.56 -5.62 6.37
CA SER B 167 -7.20 -6.66 5.58
C SER B 167 -8.41 -7.18 6.33
N LYS B 168 -9.49 -7.47 5.60
CA LYS B 168 -10.75 -7.84 6.21
C LYS B 168 -10.66 -9.23 6.82
N GLN B 169 -11.23 -9.38 8.02
CA GLN B 169 -11.30 -10.66 8.70
C GLN B 169 -12.60 -11.38 8.36
N SER B 170 -12.74 -12.61 8.86
CA SER B 170 -13.95 -13.39 8.62
C SER B 170 -15.17 -12.75 9.26
N ASN B 171 -14.96 -11.96 10.32
CA ASN B 171 -16.06 -11.27 10.99
C ASN B 171 -16.28 -9.87 10.42
N ASN B 172 -15.67 -9.54 9.29
CA ASN B 172 -15.83 -8.30 8.54
C ASN B 172 -15.24 -7.08 9.25
N LYS B 173 -14.47 -7.29 10.32
CA LYS B 173 -13.62 -6.25 10.85
C LYS B 173 -12.25 -6.36 10.20
N TYR B 174 -11.33 -5.47 10.54
CA TYR B 174 -10.04 -5.41 9.89
C TYR B 174 -8.93 -5.88 10.83
N ALA B 175 -7.82 -6.30 10.20
CA ALA B 175 -6.64 -6.74 10.93
C ALA B 175 -5.41 -6.18 10.22
N ALA B 176 -4.33 -6.06 10.98
CA ALA B 176 -3.05 -5.56 10.45
C ALA B 176 -1.94 -6.02 11.37
N SER B 177 -0.70 -5.85 10.90
CA SER B 177 0.46 -6.23 11.67
C SER B 177 1.62 -5.29 11.34
N SER B 178 2.48 -5.09 12.33
CA SER B 178 3.65 -4.22 12.18
C SER B 178 4.85 -4.91 12.82
N TYR B 179 5.98 -4.88 12.12
CA TYR B 179 7.20 -5.54 12.56
C TYR B 179 8.31 -4.52 12.78
N LEU B 180 9.09 -4.73 13.83
CA LEU B 180 10.25 -3.90 14.13
C LEU B 180 11.48 -4.80 14.18
N SER B 181 12.36 -4.64 13.20
CA SER B 181 13.57 -5.44 13.11
C SER B 181 14.71 -4.73 13.83
N LEU B 182 15.29 -5.39 14.83
CA LEU B 182 16.40 -4.85 15.60
C LEU B 182 17.57 -5.82 15.56
N THR B 183 18.73 -5.30 15.95
CA THR B 183 19.84 -6.18 16.30
C THR B 183 19.68 -6.64 17.74
N PRO B 184 20.22 -7.81 18.09
CA PRO B 184 20.31 -8.20 19.50
C PRO B 184 20.83 -7.12 20.46
N GLU B 185 21.81 -6.30 20.07
CA GLU B 185 22.29 -5.28 21.02
C GLU B 185 21.28 -4.15 21.18
N GLN B 186 20.62 -3.76 20.11
CA GLN B 186 19.60 -2.73 20.21
C GLN B 186 18.50 -3.16 21.16
N TRP B 187 18.03 -4.40 21.00
CA TRP B 187 16.98 -4.92 21.87
C TRP B 187 17.44 -4.98 23.33
N LYS B 188 18.70 -5.36 23.55
CA LYS B 188 19.19 -5.56 24.91
C LYS B 188 19.64 -4.27 25.59
N SER B 189 19.84 -3.19 24.82
CA SER B 189 20.39 -1.96 25.41
C SER B 189 19.32 -1.00 25.90
N HIS B 190 18.11 -1.05 25.35
CA HIS B 190 17.05 -0.13 25.73
C HIS B 190 16.22 -0.72 26.88
N ARG B 191 15.49 0.17 27.56
CA ARG B 191 14.50 -0.26 28.55
C ARG B 191 13.54 -1.25 27.96
N SER B 192 12.95 -0.88 26.84
CA SER B 192 11.67 -1.39 26.40
C SER B 192 11.34 -0.76 25.04
N TYR B 193 10.52 -1.45 24.26
CA TYR B 193 10.00 -0.89 23.03
C TYR B 193 8.48 -0.91 23.12
N SER B 194 7.84 0.03 22.43
CA SER B 194 6.39 0.14 22.47
C SER B 194 5.84 0.20 21.05
N CYS B 195 4.71 -0.48 20.86
CA CYS B 195 3.94 -0.39 19.63
C CYS B 195 2.72 0.48 19.90
N GLN B 196 2.65 1.63 19.22
CA GLN B 196 1.58 2.60 19.42
C GLN B 196 0.66 2.55 18.20
N VAL B 197 -0.58 2.13 18.40
CA VAL B 197 -1.55 1.95 17.34
C VAL B 197 -2.62 3.03 17.48
N THR B 198 -2.70 3.92 16.50
CA THR B 198 -3.68 4.99 16.50
C THR B 198 -4.82 4.65 15.55
N HIS B 199 -6.05 4.75 16.03
CA HIS B 199 -7.24 4.42 15.25
C HIS B 199 -8.36 5.37 15.62
N GLU B 200 -8.80 6.18 14.65
CA GLU B 200 -9.92 7.10 14.83
C GLU B 200 -9.70 8.03 16.02
N GLY B 201 -8.50 8.57 16.13
CA GLY B 201 -8.20 9.55 17.16
C GLY B 201 -7.90 8.98 18.53
N SER B 202 -7.83 7.66 18.66
CA SER B 202 -7.47 7.02 19.92
C SER B 202 -6.28 6.10 19.70
N THR B 203 -5.47 5.94 20.74
CA THR B 203 -4.24 5.15 20.62
C THR B 203 -4.19 4.06 21.67
N VAL B 204 -3.78 2.87 21.26
CA VAL B 204 -3.54 1.74 22.14
C VAL B 204 -2.07 1.38 22.03
N GLU B 205 -1.37 1.37 23.16
CA GLU B 205 0.07 1.15 23.19
C GLU B 205 0.39 -0.03 24.10
N LYS B 206 1.18 -0.97 23.58
CA LYS B 206 1.70 -2.09 24.35
C LYS B 206 3.22 -2.01 24.39
N THR B 207 3.81 -2.52 25.47
CA THR B 207 5.24 -2.39 25.71
C THR B 207 5.82 -3.73 26.17
N VAL B 208 6.99 -4.07 25.63
CA VAL B 208 7.75 -5.25 26.04
C VAL B 208 9.17 -4.83 26.38
N ALA B 209 9.83 -5.66 27.17
CA ALA B 209 11.17 -5.36 27.67
C ALA B 209 12.02 -6.62 27.65
N PRO B 210 13.34 -6.48 27.62
CA PRO B 210 14.21 -7.67 27.62
C PRO B 210 14.10 -8.46 28.92
N THR B 211 14.04 -9.78 28.78
CA THR B 211 14.02 -10.75 29.89
C THR B 211 13.21 -10.29 31.10
S SO4 C . -24.19 7.55 -18.97
O1 SO4 C . -24.88 8.79 -19.36
O2 SO4 C . -25.05 6.41 -19.24
O3 SO4 C . -22.96 7.43 -19.76
O4 SO4 C . -23.86 7.60 -17.56
#